data_5IG8
#
_entry.id   5IG8
#
_cell.length_a   128.623
_cell.length_b   37.990
_cell.length_c   139.385
_cell.angle_alpha   90.00
_cell.angle_beta   116.55
_cell.angle_gamma   90.00
#
_symmetry.space_group_name_H-M   'C 1 2 1'
#
loop_
_entity.id
_entity.type
_entity.pdbx_description
1 polymer 'ATP grasp ligase'
2 water water
#
_entity_poly.entity_id   1
_entity_poly.type   'polypeptide(L)'
_entity_poly.pdbx_seq_one_letter_code
;MKESPKVVLLLTHSGDFFTIDRVAEAIEKKGATPFRLDTDKFPLEVQLTAQFNGKKSFYQLSYNHQSIDSEQVQSVWTRR
IWQPELTGDLDPQFREVCVRESQTTLAGFWDSLRSARWLDNLAQIEKAKNKLLQLRLASEVGLIIPPTLVTNNPDAAREF
FSQVQGRMVSKLLTAIARSMESPEFFLYTSRVKAEDLEEAESLRYCPMVFQAEIPKQLELRVVVVNGQTFVGALESSQYN
NSAVDWRRPGIDPGAWQHHTLPDSLLQQLQIFMANLGLNFGAFDFILTPGGEYVFLEVNPGGEWGMLERDLDLPISQAIA
DFLVFGAAAHHHHHH
;
_entity_poly.pdbx_strand_id   A,B
#
# COMPACT_ATOMS: atom_id res chain seq x y z
N PRO A 5 5.94 40.40 -2.53
CA PRO A 5 5.79 39.51 -3.69
C PRO A 5 7.09 38.88 -4.15
N LYS A 6 8.12 38.91 -3.30
CA LYS A 6 9.44 38.60 -3.78
C LYS A 6 10.18 37.52 -3.00
N VAL A 7 9.62 36.97 -1.92
CA VAL A 7 10.24 35.78 -1.32
C VAL A 7 9.18 34.74 -0.97
N VAL A 8 9.61 33.48 -1.04
CA VAL A 8 8.89 32.37 -0.49
C VAL A 8 9.48 32.08 0.89
N LEU A 9 8.68 32.23 1.93
CA LEU A 9 9.18 31.98 3.28
C LEU A 9 9.09 30.49 3.56
N LEU A 10 10.21 29.90 3.95
CA LEU A 10 10.28 28.47 4.23
C LEU A 10 10.53 28.33 5.72
N LEU A 11 9.55 27.80 6.44
CA LEU A 11 9.61 27.68 7.89
C LEU A 11 10.09 26.27 8.23
N THR A 12 11.29 26.16 8.79
CA THR A 12 11.85 24.84 9.08
C THR A 12 12.45 24.85 10.49
N HIS A 13 13.16 23.76 10.79
CA HIS A 13 14.00 23.59 11.96
C HIS A 13 15.44 23.68 11.47
N SER A 14 16.36 24.13 12.33
CA SER A 14 17.72 24.36 11.85
C SER A 14 18.47 23.05 11.58
N GLY A 15 17.97 21.93 12.07
CA GLY A 15 18.51 20.62 11.76
C GLY A 15 17.74 19.87 10.69
N ASP A 16 17.24 20.58 9.68
CA ASP A 16 16.53 20.00 8.55
C ASP A 16 17.35 20.23 7.29
N PHE A 17 17.50 19.18 6.47
CA PHE A 17 18.39 19.29 5.31
C PHE A 17 17.77 18.87 3.99
N PHE A 18 17.47 17.59 3.79
CA PHE A 18 17.14 17.12 2.45
C PHE A 18 15.90 17.83 1.90
N THR A 19 14.81 17.83 2.66
CA THR A 19 13.56 18.32 2.12
C THR A 19 13.63 19.82 1.85
N ILE A 20 14.27 20.58 2.73
CA ILE A 20 14.35 22.02 2.53
C ILE A 20 15.25 22.36 1.35
N ASP A 21 16.36 21.63 1.17
CA ASP A 21 17.23 21.84 0.02
C ASP A 21 16.51 21.60 -1.31
N ARG A 22 15.72 20.54 -1.40
CA ARG A 22 15.07 20.23 -2.68
C ARG A 22 14.02 21.27 -3.02
N VAL A 23 13.21 21.67 -2.03
CA VAL A 23 12.17 22.66 -2.26
C VAL A 23 12.79 23.99 -2.58
N ALA A 24 13.83 24.36 -1.83
CA ALA A 24 14.48 25.65 -2.07
C ALA A 24 15.05 25.73 -3.48
N GLU A 25 15.66 24.64 -3.96
CA GLU A 25 16.25 24.68 -5.30
C GLU A 25 15.16 24.68 -6.37
N ALA A 26 14.13 23.86 -6.17
CA ALA A 26 13.01 23.88 -7.11
C ALA A 26 12.37 25.26 -7.17
N ILE A 27 12.35 25.98 -6.05
CA ILE A 27 11.79 27.32 -6.07
C ILE A 27 12.67 28.26 -6.88
N GLU A 28 13.98 28.19 -6.70
CA GLU A 28 14.75 29.15 -7.49
C GLU A 28 14.81 28.77 -8.97
N LYS A 29 14.70 27.48 -9.32
CA LYS A 29 14.65 27.15 -10.74
C LYS A 29 13.41 27.71 -11.41
N LYS A 30 12.39 28.03 -10.61
CA LYS A 30 11.15 28.59 -11.12
C LYS A 30 11.27 30.11 -11.30
N GLY A 31 12.29 30.70 -10.68
CA GLY A 31 12.49 32.13 -10.78
C GLY A 31 12.25 32.90 -9.50
N ALA A 32 11.81 32.25 -8.43
CA ALA A 32 11.52 32.93 -7.18
C ALA A 32 12.68 32.81 -6.20
N THR A 33 12.57 33.57 -5.12
CA THR A 33 13.62 33.65 -4.12
C THR A 33 13.11 33.05 -2.82
N PRO A 34 13.69 31.97 -2.34
CA PRO A 34 13.32 31.43 -1.03
C PRO A 34 14.08 32.15 0.09
N PHE A 35 13.46 32.20 1.27
CA PHE A 35 14.11 32.71 2.47
C PHE A 35 13.87 31.70 3.58
N ARG A 36 14.94 31.17 4.13
CA ARG A 36 14.83 30.15 5.14
C ARG A 36 14.77 30.77 6.53
N LEU A 37 13.70 30.51 7.25
CA LEU A 37 13.57 30.88 8.64
C LEU A 37 13.61 29.62 9.51
N ASP A 38 14.65 29.46 10.31
CA ASP A 38 14.63 28.37 11.28
C ASP A 38 13.84 28.81 12.51
N THR A 39 12.62 28.30 12.69
CA THR A 39 11.78 28.76 13.78
C THR A 39 12.32 28.37 15.16
N ASP A 40 13.15 27.34 15.25
CA ASP A 40 13.75 27.01 16.54
C ASP A 40 14.71 28.09 17.00
N LYS A 41 15.26 28.86 16.07
CA LYS A 41 16.25 29.91 16.36
C LYS A 41 15.63 31.24 16.81
N PHE A 42 14.30 31.33 16.92
CA PHE A 42 13.66 32.49 17.54
C PHE A 42 13.29 32.08 18.96
N PRO A 43 13.68 32.89 19.96
CA PRO A 43 14.19 34.25 19.76
C PRO A 43 15.72 34.47 19.84
N LEU A 44 16.57 33.45 20.02
CA LEU A 44 17.99 33.72 20.29
C LEU A 44 18.72 34.32 19.11
N GLU A 45 18.42 33.88 17.89
CA GLU A 45 19.19 34.32 16.72
C GLU A 45 18.35 34.99 15.66
N VAL A 46 17.05 35.14 15.90
CA VAL A 46 16.13 35.78 14.97
C VAL A 46 15.55 36.99 15.67
N GLN A 47 15.54 38.12 15.00
CA GLN A 47 14.92 39.32 15.51
C GLN A 47 13.63 39.60 14.74
N LEU A 48 12.54 39.85 15.48
CA LEU A 48 11.27 40.31 14.93
C LEU A 48 10.90 41.65 15.56
N THR A 49 10.36 42.55 14.74
CA THR A 49 9.96 43.86 15.20
C THR A 49 8.69 44.27 14.47
N ALA A 50 7.75 44.83 15.22
CA ALA A 50 6.56 45.39 14.60
C ALA A 50 6.10 46.59 15.42
N GLN A 51 5.65 47.63 14.73
CA GLN A 51 5.20 48.86 15.30
C GLN A 51 3.79 49.13 14.81
N PHE A 52 2.92 49.54 15.74
CA PHE A 52 1.51 49.79 15.49
C PHE A 52 1.20 51.23 15.89
N ASN A 53 0.71 52.02 14.94
CA ASN A 53 0.07 53.29 15.21
C ASN A 53 -1.27 53.45 14.51
N GLY A 54 -1.74 52.40 13.83
CA GLY A 54 -2.81 52.57 12.85
C GLY A 54 -2.31 53.00 11.48
N LYS A 55 -1.03 52.77 11.19
CA LYS A 55 -0.43 53.15 9.90
C LYS A 55 -0.33 51.97 8.94
N LYS A 56 0.46 50.93 9.30
CA LYS A 56 0.62 49.77 8.43
C LYS A 56 0.97 48.51 9.22
N SER A 57 1.59 48.67 10.39
CA SER A 57 1.87 47.60 11.36
C SER A 57 2.69 46.45 10.79
N PHE A 58 3.41 46.65 9.67
CA PHE A 58 4.22 45.58 9.08
C PHE A 58 5.31 45.10 10.04
N TYR A 59 5.79 43.88 9.78
CA TYR A 59 6.82 43.25 10.58
C TYR A 59 8.15 43.25 9.84
N GLN A 60 9.23 43.41 10.57
CA GLN A 60 10.57 43.24 10.03
C GLN A 60 11.17 42.00 10.66
N LEU A 61 11.79 41.16 9.82
CA LEU A 61 12.41 39.92 10.24
C LEU A 61 13.89 39.94 9.86
N SER A 62 14.76 39.63 10.83
CA SER A 62 16.17 39.40 10.55
C SER A 62 16.61 38.02 11.04
N TYR A 63 17.48 37.39 10.25
CA TYR A 63 18.03 36.07 10.54
C TYR A 63 19.29 35.89 9.70
N ASN A 64 20.39 35.52 10.36
CA ASN A 64 21.69 35.31 9.71
C ASN A 64 21.97 36.41 8.69
N HIS A 65 22.02 37.64 9.19
CA HIS A 65 22.42 38.85 8.47
C HIS A 65 21.59 39.12 7.22
N GLN A 66 20.47 38.42 7.05
CA GLN A 66 19.48 38.70 6.01
C GLN A 66 18.19 39.21 6.66
N SER A 67 17.50 40.10 5.97
CA SER A 67 16.32 40.70 6.55
C SER A 67 15.24 40.89 5.49
N ILE A 68 14.00 40.67 5.90
CA ILE A 68 12.83 40.88 5.04
C ILE A 68 11.73 41.52 5.89
N ASP A 69 10.76 42.10 5.21
CA ASP A 69 9.59 42.58 5.89
C ASP A 69 8.35 41.92 5.28
N SER A 70 7.22 42.00 5.99
CA SER A 70 6.16 41.04 5.74
C SER A 70 5.48 41.25 4.39
N GLU A 71 5.52 42.48 3.86
CA GLU A 71 4.97 42.67 2.53
C GLU A 71 5.81 42.04 1.42
N GLN A 72 7.06 41.66 1.70
CA GLN A 72 7.79 40.93 0.67
C GLN A 72 7.35 39.47 0.54
N VAL A 73 6.63 38.91 1.50
CA VAL A 73 6.37 37.47 1.51
C VAL A 73 5.13 37.17 0.69
N GLN A 74 5.31 36.35 -0.33
CA GLN A 74 4.27 35.97 -1.27
C GLN A 74 3.68 34.60 -0.98
N SER A 75 4.46 33.71 -0.39
CA SER A 75 3.93 32.40 -0.03
C SER A 75 4.75 31.87 1.16
N VAL A 76 4.18 30.93 1.89
CA VAL A 76 4.83 30.43 3.09
C VAL A 76 4.72 28.92 3.09
N TRP A 77 5.83 28.25 3.40
CA TRP A 77 5.88 26.79 3.43
C TRP A 77 6.10 26.36 4.87
N THR A 78 5.13 25.67 5.46
CA THR A 78 5.19 25.24 6.85
C THR A 78 5.79 23.83 6.94
N ARG A 79 7.07 23.74 6.68
CA ARG A 79 7.77 22.46 6.79
C ARG A 79 7.85 22.02 8.24
N ARG A 80 8.31 22.89 9.13
CA ARG A 80 8.36 22.59 10.56
C ARG A 80 8.16 23.87 11.34
N ILE A 81 7.15 23.90 12.19
CA ILE A 81 6.97 24.95 13.17
C ILE A 81 7.38 24.38 14.51
N TRP A 82 8.56 24.76 14.97
CA TRP A 82 9.13 24.25 16.20
C TRP A 82 9.02 25.27 17.34
N GLN A 83 8.82 24.73 18.54
CA GLN A 83 8.91 25.48 19.79
C GLN A 83 10.22 26.26 19.86
N PRO A 84 10.24 27.37 20.61
CA PRO A 84 11.49 28.11 20.81
C PRO A 84 12.57 27.28 21.50
N GLU A 85 13.72 27.17 20.84
CA GLU A 85 14.93 26.69 21.51
C GLU A 85 15.37 27.71 22.55
N LEU A 86 15.40 27.30 23.83
CA LEU A 86 15.88 28.13 24.93
C LEU A 86 16.96 27.37 25.68
N THR A 87 18.16 27.94 25.76
CA THR A 87 19.33 27.25 26.29
C THR A 87 19.53 27.52 27.78
N GLY A 88 19.81 26.46 28.53
CA GLY A 88 20.27 26.61 29.90
C GLY A 88 19.37 26.07 31.01
N ASP A 89 19.56 26.64 32.20
CA ASP A 89 18.82 26.29 33.41
C ASP A 89 18.13 27.55 33.95
N LEU A 90 17.22 28.10 33.15
CA LEU A 90 16.66 29.41 33.43
C LEU A 90 15.63 29.35 34.54
N ASP A 91 15.48 30.48 35.23
CA ASP A 91 14.47 30.61 36.25
C ASP A 91 13.09 30.34 35.65
N PRO A 92 12.25 29.51 36.29
CA PRO A 92 11.03 29.04 35.59
C PRO A 92 10.03 30.12 35.18
N GLN A 93 9.88 31.22 35.93
CA GLN A 93 8.89 32.21 35.51
C GLN A 93 9.42 33.05 34.35
N PHE A 94 10.70 33.45 34.41
CA PHE A 94 11.34 34.14 33.27
C PHE A 94 11.20 33.30 32.00
N ARG A 95 11.50 32.00 32.10
CA ARG A 95 11.37 31.08 30.98
C ARG A 95 9.95 31.08 30.45
N GLU A 96 8.97 30.86 31.34
CA GLU A 96 7.57 30.87 30.96
C GLU A 96 7.19 32.15 30.23
N VAL A 97 7.66 33.31 30.69
CA VAL A 97 7.25 34.52 30.00
C VAL A 97 7.95 34.62 28.63
N CYS A 98 9.25 34.31 28.59
CA CYS A 98 9.94 34.32 27.30
C CYS A 98 9.25 33.43 26.28
N VAL A 99 8.92 32.20 26.68
CA VAL A 99 8.29 31.29 25.74
C VAL A 99 6.92 31.79 25.31
N ARG A 100 6.10 32.28 26.25
CA ARG A 100 4.76 32.75 25.90
C ARG A 100 4.81 34.01 25.02
N GLU A 101 5.72 34.95 25.31
CA GLU A 101 5.84 36.15 24.49
C GLU A 101 6.44 35.83 23.12
N SER A 102 7.28 34.79 23.04
CA SER A 102 7.87 34.36 21.77
C SER A 102 6.82 33.79 20.85
N GLN A 103 5.99 32.90 21.40
CA GLN A 103 4.85 32.35 20.67
C GLN A 103 3.88 33.43 20.25
N THR A 104 3.59 34.37 21.15
CA THR A 104 2.71 35.50 20.80
C THR A 104 3.30 36.34 19.67
N THR A 105 4.60 36.64 19.74
CA THR A 105 5.23 37.45 18.71
C THR A 105 5.21 36.72 17.37
N LEU A 106 5.52 35.42 17.37
CA LEU A 106 5.48 34.63 16.15
C LEU A 106 4.09 34.62 15.56
N ALA A 107 3.08 34.36 16.40
CA ALA A 107 1.70 34.41 15.93
C ALA A 107 1.36 35.79 15.38
N GLY A 108 1.90 36.86 15.96
CA GLY A 108 1.68 38.17 15.38
C GLY A 108 2.28 38.27 13.99
N PHE A 109 3.48 37.74 13.81
CA PHE A 109 4.14 37.75 12.51
C PHE A 109 3.39 36.87 11.48
N TRP A 110 2.91 35.69 11.88
CA TRP A 110 2.11 34.88 10.95
C TRP A 110 0.84 35.64 10.52
N ASP A 111 0.21 36.35 11.44
CA ASP A 111 -0.96 37.14 11.05
C ASP A 111 -0.60 38.21 10.02
N SER A 112 0.58 38.82 10.14
CA SER A 112 0.97 39.80 9.14
C SER A 112 1.22 39.18 7.77
N LEU A 113 1.35 37.85 7.66
CA LEU A 113 1.50 37.18 6.38
C LEU A 113 0.18 36.56 5.91
N ARG A 114 -0.94 36.92 6.52
CA ARG A 114 -2.24 36.34 6.18
C ARG A 114 -2.60 36.49 4.71
N SER A 115 -2.04 37.46 4.00
CA SER A 115 -2.41 37.58 2.60
C SER A 115 -1.51 36.78 1.66
N ALA A 116 -0.41 36.19 2.15
CA ALA A 116 0.38 35.31 1.31
C ALA A 116 -0.32 33.96 1.15
N ARG A 117 0.17 33.17 0.21
CA ARG A 117 -0.37 31.84 0.00
C ARG A 117 0.34 30.87 0.94
N TRP A 118 -0.42 30.15 1.77
CA TRP A 118 0.18 29.30 2.79
C TRP A 118 0.04 27.83 2.39
N LEU A 119 1.14 27.08 2.50
CA LEU A 119 1.12 25.62 2.47
C LEU A 119 1.75 25.07 3.76
N ASP A 120 0.97 24.85 4.82
CA ASP A 120 -0.47 25.12 4.86
C ASP A 120 -0.80 26.18 5.92
N ASN A 121 -2.05 26.66 5.93
CA ASN A 121 -2.42 27.68 6.92
C ASN A 121 -2.33 27.08 8.31
N LEU A 122 -1.76 27.84 9.22
CA LEU A 122 -1.39 27.31 10.54
C LEU A 122 -2.58 26.84 11.33
N ALA A 123 -3.72 27.50 11.19
CA ALA A 123 -4.87 27.05 11.96
C ALA A 123 -5.28 25.64 11.53
N GLN A 124 -5.19 25.34 10.23
CA GLN A 124 -5.48 23.99 9.78
C GLN A 124 -4.49 23.00 10.35
N ILE A 125 -3.19 23.34 10.28
CA ILE A 125 -2.16 22.41 10.73
C ILE A 125 -2.37 22.05 12.20
N GLU A 126 -2.56 23.05 13.04
CA GLU A 126 -2.72 22.84 14.48
C GLU A 126 -3.92 21.93 14.77
N LYS A 127 -5.05 22.20 14.11
CA LYS A 127 -6.22 21.33 14.25
C LYS A 127 -5.92 19.92 13.74
N ALA A 128 -5.27 19.82 12.58
CA ALA A 128 -5.09 18.51 11.97
C ALA A 128 -4.12 17.65 12.75
N LYS A 129 -3.36 18.23 13.66
CA LYS A 129 -2.38 17.45 14.41
C LYS A 129 -3.06 16.48 15.37
N ASN A 130 -4.32 16.70 15.70
CA ASN A 130 -4.99 15.95 16.74
C ASN A 130 -5.45 14.61 16.18
N LYS A 131 -4.90 13.52 16.73
CA LYS A 131 -5.15 12.19 16.18
C LYS A 131 -6.61 11.79 16.36
N LEU A 132 -7.24 12.26 17.42
CA LEU A 132 -8.63 11.90 17.67
C LEU A 132 -9.55 12.53 16.66
N LEU A 133 -9.29 13.77 16.26
CA LEU A 133 -10.09 14.37 15.20
C LEU A 133 -9.83 13.67 13.88
N GLN A 134 -8.58 13.28 13.62
CA GLN A 134 -8.28 12.54 12.40
C GLN A 134 -9.13 11.29 12.30
N LEU A 135 -9.17 10.48 13.39
CA LEU A 135 -9.92 9.22 13.36
C LEU A 135 -11.41 9.47 13.18
N ARG A 136 -11.97 10.42 13.95
CA ARG A 136 -13.37 10.75 13.78
C ARG A 136 -13.67 11.12 12.34
N LEU A 137 -12.83 11.94 11.73
CA LEU A 137 -13.12 12.41 10.37
C LEU A 137 -12.85 11.32 9.34
N ALA A 138 -11.77 10.55 9.53
CA ALA A 138 -11.53 9.43 8.63
C ALA A 138 -12.73 8.47 8.59
N SER A 139 -13.25 8.09 9.75
CA SER A 139 -14.38 7.15 9.67
C SER A 139 -15.62 7.81 9.07
N GLU A 140 -15.84 9.11 9.30
CA GLU A 140 -16.98 9.79 8.69
C GLU A 140 -16.88 9.83 7.18
N VAL A 141 -15.67 9.96 6.62
CA VAL A 141 -15.54 10.00 5.17
C VAL A 141 -15.50 8.62 4.55
N GLY A 142 -15.61 7.55 5.34
CA GLY A 142 -15.60 6.19 4.82
C GLY A 142 -14.26 5.49 4.80
N LEU A 143 -13.23 6.07 5.39
CA LEU A 143 -11.95 5.38 5.52
C LEU A 143 -12.05 4.38 6.65
N ILE A 144 -11.36 3.25 6.50
CA ILE A 144 -11.37 2.25 7.55
C ILE A 144 -10.27 2.60 8.55
N ILE A 145 -10.57 2.48 9.83
CA ILE A 145 -9.63 2.78 10.90
C ILE A 145 -9.51 1.56 11.79
N PRO A 146 -8.39 1.41 12.50
CA PRO A 146 -8.31 0.36 13.50
C PRO A 146 -9.17 0.71 14.71
N PRO A 147 -9.76 -0.28 15.35
CA PRO A 147 -10.49 -0.02 16.59
C PRO A 147 -9.61 0.73 17.58
N THR A 148 -10.14 1.81 18.14
CA THR A 148 -9.32 2.72 18.91
C THR A 148 -10.11 3.20 20.11
N LEU A 149 -9.40 3.31 21.23
CA LEU A 149 -9.94 3.84 22.46
C LEU A 149 -9.03 4.96 22.96
N VAL A 150 -9.60 6.08 23.42
CA VAL A 150 -8.88 7.05 24.24
C VAL A 150 -9.58 7.13 25.58
N THR A 151 -8.82 7.09 26.67
CA THR A 151 -9.46 7.09 27.98
C THR A 151 -8.42 7.39 29.05
N ASN A 152 -8.87 8.00 30.15
CA ASN A 152 -8.13 7.96 31.41
C ASN A 152 -8.86 7.13 32.44
N ASN A 153 -9.72 6.23 31.98
CA ASN A 153 -10.42 5.30 32.86
C ASN A 153 -9.82 3.92 32.68
N PRO A 154 -9.02 3.42 33.62
CA PRO A 154 -8.40 2.09 33.43
C PRO A 154 -9.40 0.97 33.19
N ASP A 155 -10.58 1.05 33.82
CA ASP A 155 -11.65 0.09 33.56
C ASP A 155 -12.06 0.08 32.09
N ALA A 156 -12.16 1.26 31.47
CA ALA A 156 -12.58 1.32 30.08
C ALA A 156 -11.52 0.72 29.17
N ALA A 157 -10.24 0.93 29.50
CA ALA A 157 -9.16 0.31 28.77
C ALA A 157 -9.17 -1.21 28.96
N ARG A 158 -9.36 -1.67 30.21
CA ARG A 158 -9.50 -3.10 30.46
C ARG A 158 -10.60 -3.69 29.58
N GLU A 159 -11.77 -3.04 29.56
CA GLU A 159 -12.85 -3.49 28.70
C GLU A 159 -12.47 -3.47 27.23
N PHE A 160 -11.63 -2.52 26.81
CA PHE A 160 -11.30 -2.42 25.39
C PHE A 160 -10.45 -3.58 24.92
N PHE A 161 -9.56 -4.07 25.79
CA PHE A 161 -8.74 -5.22 25.46
C PHE A 161 -9.57 -6.47 25.16
N SER A 162 -10.79 -6.57 25.69
CA SER A 162 -11.65 -7.70 25.40
C SER A 162 -12.47 -7.56 24.12
N GLN A 163 -12.64 -6.34 23.60
CA GLN A 163 -13.48 -6.14 22.42
C GLN A 163 -12.70 -6.11 21.12
N VAL A 164 -11.40 -6.38 21.14
CA VAL A 164 -10.64 -6.33 19.90
C VAL A 164 -10.62 -7.74 19.34
N GLN A 165 -11.75 -8.43 19.51
CA GLN A 165 -11.99 -9.78 19.04
C GLN A 165 -10.96 -10.72 19.66
N GLY A 166 -9.69 -10.55 19.32
CA GLY A 166 -8.64 -11.29 20.01
C GLY A 166 -7.21 -10.95 19.63
N ARG A 167 -6.92 -9.66 19.41
CA ARG A 167 -5.62 -9.20 18.96
C ARG A 167 -4.91 -8.38 20.04
N MET A 168 -3.65 -8.08 19.75
CA MET A 168 -2.87 -7.24 20.63
C MET A 168 -3.34 -5.80 20.56
N VAL A 169 -3.06 -5.05 21.62
CA VAL A 169 -3.40 -3.64 21.72
C VAL A 169 -2.13 -2.89 22.06
N SER A 170 -1.91 -1.77 21.38
CA SER A 170 -0.76 -0.92 21.66
C SER A 170 -1.22 0.45 22.13
N LYS A 171 -0.37 1.10 22.91
CA LYS A 171 -0.50 2.52 23.21
C LYS A 171 0.26 3.32 22.17
N LEU A 172 -0.30 4.48 21.84
CA LEU A 172 0.21 5.34 20.77
C LEU A 172 0.73 6.64 21.37
N LEU A 173 1.84 7.16 20.80
CA LEU A 173 2.45 8.41 21.27
C LEU A 173 3.39 8.95 20.20
N THR A 174 3.34 10.26 19.95
CA THR A 174 4.23 10.89 18.98
C THR A 174 5.64 11.03 19.56
N ALA A 175 6.65 10.68 18.75
CA ALA A 175 8.04 10.71 19.20
C ALA A 175 8.95 11.20 18.07
N ILE A 176 10.24 11.36 18.38
CA ILE A 176 11.25 11.85 17.45
C ILE A 176 12.29 10.75 17.25
N ALA A 177 12.53 10.38 15.99
CA ALA A 177 13.57 9.40 15.64
C ALA A 177 14.76 10.12 15.04
N ARG A 178 15.97 9.83 15.54
CA ARG A 178 17.15 10.63 15.18
C ARG A 178 18.38 9.85 14.73
N SER A 179 18.60 8.61 15.17
CA SER A 179 19.86 7.92 14.91
C SER A 179 20.02 7.41 13.46
N MET A 180 19.89 6.09 13.27
CA MET A 180 19.95 5.39 11.98
C MET A 180 20.89 5.98 10.92
N GLU A 181 22.15 6.23 11.29
CA GLU A 181 23.19 6.69 10.36
C GLU A 181 22.96 8.12 9.87
N SER A 182 21.91 8.33 9.04
CA SER A 182 21.56 9.63 8.48
C SER A 182 21.41 10.68 9.58
N PRO A 183 21.78 11.95 9.31
CA PRO A 183 21.77 12.97 10.37
C PRO A 183 20.48 13.76 10.53
N GLU A 184 19.38 13.31 9.92
CA GLU A 184 18.10 13.99 10.02
C GLU A 184 17.25 13.33 11.11
N PHE A 185 16.18 14.03 11.53
CA PHE A 185 15.25 13.51 12.51
C PHE A 185 13.83 13.51 11.95
N PHE A 186 13.01 12.59 12.46
CA PHE A 186 11.65 12.37 11.97
C PHE A 186 10.67 12.32 13.14
N LEU A 187 9.47 12.86 12.93
CA LEU A 187 8.35 12.66 13.84
C LEU A 187 7.62 11.39 13.43
N TYR A 188 7.31 10.54 14.41
CA TYR A 188 6.62 9.28 14.14
C TYR A 188 5.86 8.86 15.39
N THR A 189 4.89 7.97 15.19
CA THR A 189 4.03 7.49 16.25
C THR A 189 4.60 6.19 16.82
N SER A 190 5.12 6.26 18.03
CA SER A 190 5.61 5.08 18.75
C SER A 190 4.44 4.23 19.24
N ARG A 191 4.65 2.92 19.28
CA ARG A 191 3.61 1.95 19.63
C ARG A 191 4.20 0.96 20.62
N VAL A 192 4.02 1.23 21.90
CA VAL A 192 4.43 0.34 22.97
C VAL A 192 3.30 -0.65 23.24
N LYS A 193 3.64 -1.91 23.48
CA LYS A 193 2.62 -2.91 23.78
C LYS A 193 2.00 -2.63 25.14
N ALA A 194 0.68 -2.83 25.22
CA ALA A 194 -0.07 -2.57 26.45
C ALA A 194 -0.11 -3.83 27.30
N GLU A 195 0.63 -3.82 28.41
CA GLU A 195 0.59 -4.87 29.43
C GLU A 195 0.31 -4.16 30.75
N ASP A 196 -0.90 -4.36 31.28
CA ASP A 196 -1.50 -3.42 32.20
C ASP A 196 -0.74 -3.35 33.54
N LEU A 197 -1.27 -2.41 34.35
CA LEU A 197 -0.89 -2.11 35.73
C LEU A 197 -1.54 -0.82 36.19
N GLU A 198 -1.40 -0.50 37.47
CA GLU A 198 -1.99 0.71 38.03
C GLU A 198 -0.92 1.63 38.62
N GLU A 199 0.33 1.38 38.26
CA GLU A 199 1.44 2.18 38.75
C GLU A 199 1.60 3.45 37.93
N ALA A 200 2.84 3.77 37.56
CA ALA A 200 3.12 4.97 36.78
C ALA A 200 2.45 6.17 37.44
N GLU A 201 2.63 6.27 38.76
CA GLU A 201 2.04 7.33 39.52
C GLU A 201 1.97 8.60 38.78
N SER A 202 3.01 8.87 38.02
CA SER A 202 3.08 10.10 37.25
C SER A 202 2.23 10.16 35.98
N LEU A 203 1.51 9.09 35.69
CA LEU A 203 0.64 8.92 34.55
C LEU A 203 -0.64 8.24 35.00
N ARG A 204 -0.81 8.04 36.30
CA ARG A 204 -1.96 7.30 36.84
C ARG A 204 -3.29 7.68 36.18
N TYR A 205 -3.68 8.96 36.28
CA TYR A 205 -4.98 9.42 35.77
C TYR A 205 -4.88 10.11 34.42
N CYS A 206 -3.82 9.98 33.76
CA CYS A 206 -3.54 10.63 32.49
C CYS A 206 -4.13 9.82 31.33
N PRO A 207 -4.81 10.48 30.41
CA PRO A 207 -5.40 9.76 29.29
C PRO A 207 -4.33 9.14 28.41
N MET A 208 -4.66 8.01 27.78
CA MET A 208 -3.81 7.39 26.77
C MET A 208 -4.67 6.92 25.59
N VAL A 209 -4.02 6.79 24.44
CA VAL A 209 -4.63 6.33 23.21
C VAL A 209 -4.21 4.89 22.99
N PHE A 210 -5.20 3.98 22.92
CA PHE A 210 -5.00 2.57 22.70
C PHE A 210 -5.62 2.17 21.38
N GLN A 211 -4.94 1.27 20.67
CA GLN A 211 -5.35 0.89 19.32
C GLN A 211 -5.09 -0.59 19.07
N ALA A 212 -6.05 -1.26 18.43
CA ALA A 212 -5.88 -2.67 18.07
C ALA A 212 -4.79 -2.83 17.01
N GLU A 213 -3.85 -3.73 17.28
CA GLU A 213 -2.83 -4.04 16.30
C GLU A 213 -3.50 -4.73 15.12
N ILE A 214 -3.19 -4.28 13.91
CA ILE A 214 -3.81 -4.81 12.71
C ILE A 214 -2.75 -5.52 11.89
N PRO A 215 -3.03 -6.69 11.30
CA PRO A 215 -2.03 -7.33 10.45
C PRO A 215 -1.85 -6.60 9.12
N LYS A 216 -0.61 -6.52 8.66
CA LYS A 216 -0.24 -5.82 7.44
C LYS A 216 0.61 -6.69 6.52
N GLN A 217 0.32 -6.63 5.22
CA GLN A 217 1.32 -6.97 4.22
C GLN A 217 2.09 -5.76 3.70
N LEU A 218 1.52 -4.55 3.77
CA LEU A 218 2.18 -3.33 3.34
C LEU A 218 1.91 -2.19 4.32
N GLU A 219 2.92 -1.34 4.54
CA GLU A 219 2.74 0.02 5.04
C GLU A 219 2.75 0.97 3.84
N LEU A 220 1.84 1.93 3.84
CA LEU A 220 1.76 2.94 2.80
C LEU A 220 2.04 4.33 3.36
N ARG A 221 2.73 5.14 2.56
CA ARG A 221 2.91 6.56 2.80
C ARG A 221 2.31 7.26 1.59
N VAL A 222 1.20 7.94 1.80
CA VAL A 222 0.49 8.63 0.73
C VAL A 222 0.69 10.13 0.95
N VAL A 223 1.45 10.79 0.05
CA VAL A 223 1.69 12.23 0.08
C VAL A 223 0.86 12.87 -1.02
N VAL A 224 0.02 13.84 -0.64
CA VAL A 224 -0.84 14.56 -1.57
C VAL A 224 -0.45 16.03 -1.54
N VAL A 225 -0.23 16.61 -2.72
CA VAL A 225 0.15 18.02 -2.85
C VAL A 225 -0.76 18.63 -3.89
N ASN A 226 -1.75 19.40 -3.45
CA ASN A 226 -2.58 20.16 -4.36
C ASN A 226 -3.20 19.24 -5.42
N GLY A 227 -3.76 18.13 -4.96
CA GLY A 227 -4.42 17.19 -5.83
C GLY A 227 -3.52 16.25 -6.61
N GLN A 228 -2.21 16.34 -6.42
CA GLN A 228 -1.30 15.34 -6.94
C GLN A 228 -0.99 14.35 -5.82
N THR A 229 -0.93 13.06 -6.18
CA THR A 229 -0.76 11.97 -5.21
C THR A 229 0.54 11.24 -5.49
N PHE A 230 1.25 10.88 -4.43
CA PHE A 230 2.54 10.20 -4.52
C PHE A 230 2.59 9.10 -3.48
N VAL A 231 2.78 7.86 -3.90
CA VAL A 231 2.54 6.69 -3.06
C VAL A 231 3.82 5.86 -2.96
N GLY A 232 4.25 5.59 -1.73
CA GLY A 232 5.28 4.61 -1.49
C GLY A 232 4.72 3.48 -0.65
N ALA A 233 5.29 2.29 -0.86
CA ALA A 233 4.92 1.10 -0.11
C ALA A 233 6.16 0.43 0.44
N LEU A 234 6.00 -0.21 1.60
CA LEU A 234 7.01 -1.06 2.20
C LEU A 234 6.42 -2.44 2.44
N GLU A 235 7.15 -3.47 2.06
CA GLU A 235 6.75 -4.83 2.42
C GLU A 235 7.09 -5.09 3.87
N SER A 236 6.13 -5.62 4.63
CA SER A 236 6.24 -5.73 6.07
C SER A 236 6.48 -7.19 6.46
N SER A 237 7.62 -7.46 7.10
CA SER A 237 7.94 -8.78 7.63
C SER A 237 9.25 -8.75 8.42
N GLN A 238 9.18 -8.59 9.73
CA GLN A 238 10.40 -8.54 10.54
C GLN A 238 10.89 -9.94 10.87
N GLY A 254 14.12 -1.71 4.97
CA GLY A 254 13.20 -1.74 3.84
C GLY A 254 13.39 -0.58 2.86
N ALA A 255 13.00 -0.82 1.60
CA ALA A 255 13.12 0.15 0.53
C ALA A 255 11.74 0.45 -0.03
N TRP A 256 11.36 1.73 -0.03
CA TRP A 256 10.09 2.12 -0.59
C TRP A 256 9.97 1.67 -2.04
N GLN A 257 8.77 1.24 -2.42
CA GLN A 257 8.49 0.80 -3.77
C GLN A 257 7.19 1.43 -4.24
N HIS A 258 7.02 1.48 -5.55
CA HIS A 258 5.85 2.06 -6.15
C HIS A 258 4.61 1.27 -5.76
N HIS A 259 3.46 1.94 -5.87
CA HIS A 259 2.19 1.31 -5.55
C HIS A 259 1.09 2.18 -6.13
N THR A 260 0.07 1.55 -6.69
CA THR A 260 -1.08 2.27 -7.22
C THR A 260 -2.26 2.13 -6.26
N LEU A 261 -2.88 3.32 -5.83
CA LEU A 261 -4.06 3.21 -4.98
C LEU A 261 -5.33 3.14 -5.83
N PRO A 262 -6.38 2.45 -5.39
CA PRO A 262 -7.66 2.56 -6.09
C PRO A 262 -8.21 3.97 -6.03
N ASP A 263 -8.99 4.32 -7.06
CA ASP A 263 -9.53 5.66 -7.17
C ASP A 263 -10.55 5.95 -6.07
N SER A 264 -11.30 4.94 -5.64
CA SER A 264 -12.26 5.12 -4.56
C SER A 264 -11.57 5.58 -3.28
N LEU A 265 -10.34 5.12 -3.05
CA LEU A 265 -9.60 5.54 -1.88
C LEU A 265 -9.06 6.96 -2.06
N LEU A 266 -8.58 7.27 -3.28
CA LEU A 266 -8.13 8.62 -3.60
C LEU A 266 -9.25 9.64 -3.42
N GLN A 267 -10.47 9.33 -3.86
CA GLN A 267 -11.58 10.26 -3.66
C GLN A 267 -11.84 10.49 -2.18
N GLN A 268 -11.79 9.42 -1.37
CA GLN A 268 -11.99 9.60 0.06
C GLN A 268 -10.88 10.45 0.67
N LEU A 269 -9.63 10.25 0.24
CA LEU A 269 -8.53 11.06 0.75
C LEU A 269 -8.76 12.53 0.47
N GLN A 270 -9.25 12.87 -0.72
CA GLN A 270 -9.43 14.29 -1.04
C GLN A 270 -10.52 14.90 -0.16
N ILE A 271 -11.57 14.15 0.14
CA ILE A 271 -12.63 14.64 1.02
C ILE A 271 -12.13 14.74 2.45
N PHE A 272 -11.26 13.82 2.85
CA PHE A 272 -10.61 13.93 4.16
C PHE A 272 -9.76 15.19 4.22
N MET A 273 -8.96 15.43 3.17
CA MET A 273 -8.04 16.55 3.09
C MET A 273 -8.77 17.89 3.00
N ALA A 274 -9.84 17.96 2.22
CA ALA A 274 -10.60 19.20 2.16
C ALA A 274 -11.36 19.43 3.45
N ASN A 275 -11.60 18.38 4.23
CA ASN A 275 -12.23 18.68 5.52
C ASN A 275 -11.23 19.04 6.60
N LEU A 276 -9.94 18.87 6.34
CA LEU A 276 -8.91 19.40 7.22
C LEU A 276 -8.39 20.76 6.75
N GLY A 277 -8.92 21.29 5.65
CA GLY A 277 -8.41 22.52 5.09
C GLY A 277 -6.97 22.47 4.62
N LEU A 278 -6.49 21.32 4.18
CA LEU A 278 -5.08 21.12 3.88
C LEU A 278 -4.86 20.94 2.38
N ASN A 279 -3.81 21.57 1.84
CA ASN A 279 -3.40 21.26 0.49
C ASN A 279 -2.18 20.34 0.45
N PHE A 280 -1.57 20.06 1.59
CA PHE A 280 -0.48 19.12 1.69
C PHE A 280 -0.74 18.15 2.82
N GLY A 281 -0.56 16.87 2.53
CA GLY A 281 -0.65 15.87 3.58
C GLY A 281 0.15 14.62 3.29
N ALA A 282 0.79 14.09 4.32
CA ALA A 282 1.41 12.78 4.30
C ALA A 282 0.58 11.85 5.19
N PHE A 283 0.03 10.78 4.61
CA PHE A 283 -0.86 9.85 5.28
C PHE A 283 -0.22 8.48 5.42
N ASP A 284 -0.41 7.85 6.56
CA ASP A 284 0.01 6.47 6.74
C ASP A 284 -1.21 5.53 6.69
N PHE A 285 -1.07 4.48 5.89
CA PHE A 285 -2.04 3.41 5.74
C PHE A 285 -1.31 2.09 5.90
N ILE A 286 -2.08 1.07 6.21
CA ILE A 286 -1.60 -0.28 5.99
C ILE A 286 -2.58 -0.98 5.07
N LEU A 287 -2.07 -1.96 4.33
CA LEU A 287 -2.89 -2.88 3.56
C LEU A 287 -2.86 -4.22 4.28
N THR A 288 -4.02 -4.72 4.68
CA THR A 288 -4.05 -5.98 5.41
C THR A 288 -3.79 -7.15 4.47
N PRO A 289 -3.41 -8.32 5.03
CA PRO A 289 -3.36 -9.54 4.19
C PRO A 289 -4.63 -9.73 3.40
N GLY A 290 -5.78 -9.52 4.04
CA GLY A 290 -7.07 -9.59 3.35
C GLY A 290 -7.27 -8.56 2.27
N GLY A 291 -6.39 -7.56 2.17
CA GLY A 291 -6.44 -6.57 1.12
C GLY A 291 -7.24 -5.32 1.41
N GLU A 292 -7.49 -4.99 2.66
CA GLU A 292 -8.20 -3.76 2.98
C GLU A 292 -7.18 -2.68 3.33
N TYR A 293 -7.41 -1.47 2.80
CA TYR A 293 -6.62 -0.28 3.14
C TYR A 293 -7.14 0.27 4.46
N VAL A 294 -6.29 0.34 5.49
CA VAL A 294 -6.66 0.88 6.79
C VAL A 294 -5.90 2.19 6.99
N PHE A 295 -6.63 3.27 7.29
CA PHE A 295 -6.02 4.55 7.63
C PHE A 295 -5.43 4.50 9.03
N LEU A 296 -4.19 4.94 9.19
CA LEU A 296 -3.57 5.05 10.52
C LEU A 296 -3.52 6.48 11.04
N GLU A 297 -3.05 7.42 10.22
CA GLU A 297 -2.95 8.78 10.73
C GLU A 297 -2.40 9.66 9.64
N VAL A 298 -2.65 10.97 9.76
CA VAL A 298 -1.83 11.92 9.04
C VAL A 298 -0.44 11.85 9.66
N ASN A 299 0.56 11.55 8.83
CA ASN A 299 1.91 11.39 9.33
C ASN A 299 2.29 12.63 10.14
N PRO A 300 2.66 12.48 11.40
CA PRO A 300 2.76 13.66 12.28
C PRO A 300 3.86 14.63 11.87
N GLY A 301 4.86 14.18 11.12
CA GLY A 301 5.91 15.07 10.66
C GLY A 301 5.82 15.49 9.21
N GLY A 302 4.74 15.14 8.50
CA GLY A 302 4.68 15.43 7.08
C GLY A 302 5.88 14.90 6.32
N GLU A 303 6.37 13.73 6.70
CA GLU A 303 7.65 13.21 6.20
C GLU A 303 7.51 12.62 4.80
N TRP A 304 8.25 13.19 3.85
CA TRP A 304 8.19 12.70 2.49
C TRP A 304 9.55 12.54 1.82
N GLY A 305 10.65 12.86 2.52
CA GLY A 305 11.94 12.90 1.87
C GLY A 305 12.41 11.55 1.33
N MET A 306 12.15 10.47 2.05
CA MET A 306 12.61 9.16 1.58
C MET A 306 11.90 8.76 0.31
N LEU A 307 10.60 9.04 0.21
CA LEU A 307 9.85 8.79 -1.01
C LEU A 307 10.49 9.43 -2.22
N GLU A 308 10.82 10.73 -2.10
CA GLU A 308 11.36 11.43 -3.26
C GLU A 308 12.69 10.83 -3.67
N ARG A 309 13.58 10.58 -2.71
CA ARG A 309 14.86 10.07 -3.16
C ARG A 309 14.77 8.60 -3.59
N ASP A 310 14.15 7.73 -2.77
CA ASP A 310 14.17 6.30 -3.11
C ASP A 310 13.41 6.02 -4.39
N LEU A 311 12.47 6.88 -4.77
CA LEU A 311 11.54 6.57 -5.84
C LEU A 311 11.45 7.63 -6.94
N ASP A 312 12.21 8.71 -6.84
CA ASP A 312 12.18 9.81 -7.81
C ASP A 312 10.80 10.42 -7.93
N LEU A 313 10.03 10.42 -6.88
CA LEU A 313 8.72 11.04 -6.95
C LEU A 313 8.92 12.54 -6.77
N PRO A 314 8.46 13.39 -7.71
CA PRO A 314 8.80 14.82 -7.69
C PRO A 314 7.90 15.61 -6.74
N ILE A 315 7.99 15.27 -5.45
CA ILE A 315 7.15 15.91 -4.43
C ILE A 315 7.58 17.36 -4.24
N SER A 316 8.89 17.61 -4.16
CA SER A 316 9.39 18.96 -3.97
C SER A 316 9.00 19.87 -5.13
N GLN A 317 8.96 19.34 -6.34
CA GLN A 317 8.53 20.12 -7.48
C GLN A 317 7.08 20.55 -7.33
N ALA A 318 6.20 19.63 -6.97
CA ALA A 318 4.82 19.99 -6.69
C ALA A 318 4.71 20.99 -5.56
N ILE A 319 5.60 20.91 -4.56
CA ILE A 319 5.55 21.88 -3.46
C ILE A 319 5.96 23.26 -3.97
N ALA A 320 7.13 23.34 -4.62
CA ALA A 320 7.55 24.58 -5.24
C ALA A 320 6.48 25.12 -6.18
N ASP A 321 5.90 24.26 -7.02
CA ASP A 321 4.89 24.75 -7.96
C ASP A 321 3.73 25.41 -7.24
N PHE A 322 3.20 24.76 -6.20
CA PHE A 322 2.13 25.40 -5.44
C PHE A 322 2.59 26.74 -4.87
N LEU A 323 3.77 26.78 -4.23
CA LEU A 323 4.23 28.00 -3.56
C LEU A 323 4.44 29.14 -4.54
N VAL A 324 5.02 28.88 -5.72
CA VAL A 324 5.30 29.98 -6.64
C VAL A 324 4.14 30.33 -7.57
N PHE A 325 3.33 29.35 -8.01
CA PHE A 325 2.22 29.67 -8.92
C PHE A 325 0.83 29.35 -8.41
N GLY A 326 0.68 28.77 -7.22
CA GLY A 326 -0.62 28.23 -6.85
C GLY A 326 -0.88 26.97 -7.69
N LYS B 6 -25.67 -22.72 -6.16
CA LYS B 6 -26.00 -22.44 -4.76
C LYS B 6 -24.76 -22.06 -3.94
N VAL B 7 -23.59 -22.64 -4.24
CA VAL B 7 -22.35 -22.38 -3.49
C VAL B 7 -21.17 -22.47 -4.45
N VAL B 8 -20.19 -21.57 -4.27
CA VAL B 8 -18.97 -21.53 -5.07
C VAL B 8 -17.83 -22.08 -4.22
N LEU B 9 -17.24 -23.20 -4.65
CA LEU B 9 -16.21 -23.89 -3.87
C LEU B 9 -14.81 -23.36 -4.20
N LEU B 10 -14.06 -23.00 -3.18
CA LEU B 10 -12.80 -22.29 -3.34
C LEU B 10 -11.70 -23.19 -2.81
N LEU B 11 -10.89 -23.72 -3.72
CA LEU B 11 -9.86 -24.68 -3.35
C LEU B 11 -8.55 -23.91 -3.17
N THR B 12 -8.06 -23.86 -1.94
CA THR B 12 -6.83 -23.16 -1.64
C THR B 12 -6.14 -23.92 -0.52
N HIS B 13 -5.19 -23.27 0.15
CA HIS B 13 -4.60 -23.82 1.37
C HIS B 13 -4.72 -22.80 2.49
N SER B 14 -4.40 -23.26 3.70
CA SER B 14 -4.76 -22.53 4.91
C SER B 14 -4.02 -21.20 5.05
N GLY B 15 -2.78 -21.14 4.58
CA GLY B 15 -1.92 -19.97 4.61
C GLY B 15 -2.04 -19.02 3.43
N ASP B 16 -3.06 -19.21 2.60
CA ASP B 16 -3.31 -18.33 1.46
C ASP B 16 -3.99 -17.05 1.93
N PHE B 17 -3.66 -15.94 1.28
CA PHE B 17 -4.26 -14.66 1.63
C PHE B 17 -4.23 -13.73 0.43
N PHE B 18 -4.97 -12.63 0.57
CA PHE B 18 -5.20 -11.61 -0.45
C PHE B 18 -5.99 -12.16 -1.62
N THR B 19 -5.40 -13.06 -2.41
CA THR B 19 -6.12 -13.57 -3.59
C THR B 19 -7.43 -14.25 -3.18
N ILE B 20 -7.37 -15.17 -2.21
CA ILE B 20 -8.57 -15.85 -1.75
C ILE B 20 -9.56 -14.86 -1.12
N ASP B 21 -9.06 -13.88 -0.35
CA ASP B 21 -9.95 -12.91 0.28
C ASP B 21 -10.65 -12.04 -0.76
N ARG B 22 -9.90 -11.50 -1.71
CA ARG B 22 -10.51 -10.61 -2.71
C ARG B 22 -11.56 -11.34 -3.53
N VAL B 23 -11.27 -12.60 -3.91
CA VAL B 23 -12.21 -13.38 -4.70
C VAL B 23 -13.44 -13.73 -3.89
N ALA B 24 -13.24 -14.23 -2.67
CA ALA B 24 -14.37 -14.58 -1.81
C ALA B 24 -15.29 -13.39 -1.58
N GLU B 25 -14.72 -12.22 -1.27
CA GLU B 25 -15.52 -11.01 -1.11
C GLU B 25 -16.27 -10.66 -2.41
N ALA B 26 -15.59 -10.72 -3.56
CA ALA B 26 -16.26 -10.31 -4.79
C ALA B 26 -17.39 -11.28 -5.15
N ILE B 27 -17.27 -12.55 -4.73
CA ILE B 27 -18.35 -13.51 -4.97
C ILE B 27 -19.59 -13.11 -4.18
N GLU B 28 -19.41 -12.74 -2.92
CA GLU B 28 -20.52 -12.31 -2.07
C GLU B 28 -21.19 -11.05 -2.61
N LYS B 29 -20.39 -10.04 -2.97
CA LYS B 29 -20.92 -8.81 -3.54
C LYS B 29 -21.80 -9.08 -4.75
N LYS B 30 -21.52 -10.15 -5.49
CA LYS B 30 -22.37 -10.56 -6.60
C LYS B 30 -23.53 -11.45 -6.17
N GLY B 31 -23.62 -11.79 -4.89
CA GLY B 31 -24.76 -12.50 -4.36
C GLY B 31 -24.62 -14.01 -4.23
N ALA B 32 -23.42 -14.55 -4.24
CA ALA B 32 -23.21 -15.99 -4.13
C ALA B 32 -22.49 -16.31 -2.83
N THR B 33 -22.43 -17.61 -2.52
CA THR B 33 -21.89 -18.04 -1.25
C THR B 33 -20.58 -18.78 -1.45
N PRO B 34 -19.49 -18.27 -0.92
CA PRO B 34 -18.20 -18.94 -1.14
C PRO B 34 -17.87 -19.91 -0.01
N PHE B 35 -17.43 -21.12 -0.35
CA PHE B 35 -16.96 -22.08 0.65
C PHE B 35 -15.46 -22.23 0.45
N ARG B 36 -14.70 -21.81 1.45
CA ARG B 36 -13.25 -21.95 1.39
C ARG B 36 -12.86 -23.31 1.94
N LEU B 37 -12.38 -24.17 1.06
CA LEU B 37 -11.87 -25.47 1.45
C LEU B 37 -10.35 -25.40 1.44
N ASP B 38 -9.74 -25.63 2.61
CA ASP B 38 -8.29 -25.65 2.75
C ASP B 38 -7.83 -27.09 2.60
N THR B 39 -7.35 -27.42 1.41
CA THR B 39 -7.11 -28.80 1.01
C THR B 39 -5.91 -29.41 1.74
N ASP B 40 -5.06 -28.58 2.35
CA ASP B 40 -3.94 -29.06 3.15
C ASP B 40 -4.40 -29.62 4.50
N LYS B 41 -5.59 -29.23 4.95
CA LYS B 41 -6.16 -29.77 6.17
C LYS B 41 -6.80 -31.14 6.00
N PHE B 42 -6.86 -31.66 4.77
CA PHE B 42 -7.34 -33.02 4.55
C PHE B 42 -6.13 -33.94 4.58
N PRO B 43 -6.23 -35.04 5.35
CA PRO B 43 -7.45 -35.40 6.08
C PRO B 43 -7.43 -35.18 7.60
N LEU B 44 -6.48 -34.44 8.15
CA LEU B 44 -6.38 -34.28 9.60
C LEU B 44 -7.49 -33.41 10.20
N GLU B 45 -8.14 -32.55 9.42
CA GLU B 45 -9.18 -31.69 9.99
C GLU B 45 -10.37 -31.53 9.04
N VAL B 46 -10.30 -32.11 7.85
CA VAL B 46 -11.40 -32.11 6.90
C VAL B 46 -11.98 -33.52 6.85
N GLN B 47 -13.30 -33.59 6.74
CA GLN B 47 -14.01 -34.87 6.74
C GLN B 47 -14.82 -35.01 5.46
N LEU B 48 -14.57 -36.10 4.74
CA LEU B 48 -15.24 -36.45 3.50
C LEU B 48 -15.96 -37.77 3.69
N THR B 49 -17.23 -37.83 3.27
CA THR B 49 -18.01 -39.06 3.31
C THR B 49 -18.84 -39.16 2.03
N ALA B 50 -18.74 -40.30 1.35
CA ALA B 50 -19.57 -40.61 0.19
C ALA B 50 -20.07 -42.04 0.29
N GLN B 51 -21.31 -42.27 -0.15
CA GLN B 51 -21.93 -43.59 -0.12
C GLN B 51 -22.57 -43.86 -1.47
N PHE B 52 -22.44 -45.11 -1.93
CA PHE B 52 -22.99 -45.56 -3.22
C PHE B 52 -23.95 -46.71 -2.96
N ASN B 53 -25.14 -46.39 -2.46
CA ASN B 53 -26.15 -47.43 -2.30
C ASN B 53 -26.47 -48.02 -3.67
N GLY B 54 -27.29 -47.32 -4.44
CA GLY B 54 -27.63 -47.77 -5.77
C GLY B 54 -27.97 -46.59 -6.64
N LYS B 55 -27.60 -46.69 -7.92
CA LYS B 55 -27.96 -45.71 -8.95
C LYS B 55 -27.40 -44.32 -8.70
N LYS B 56 -27.63 -43.76 -7.51
CA LYS B 56 -27.25 -42.38 -7.22
C LYS B 56 -26.33 -42.33 -6.01
N SER B 57 -25.62 -41.22 -5.88
CA SER B 57 -24.68 -41.02 -4.79
C SER B 57 -24.33 -39.55 -4.67
N PHE B 58 -23.64 -39.22 -3.58
CA PHE B 58 -23.38 -37.85 -3.19
C PHE B 58 -22.22 -37.85 -2.21
N TYR B 59 -21.55 -36.71 -2.12
CA TYR B 59 -20.50 -36.50 -1.14
C TYR B 59 -20.92 -35.46 -0.11
N GLN B 60 -20.41 -35.63 1.10
CA GLN B 60 -20.54 -34.66 2.17
C GLN B 60 -19.16 -34.18 2.54
N LEU B 61 -19.02 -32.86 2.73
CA LEU B 61 -17.77 -32.21 3.07
C LEU B 61 -17.99 -31.36 4.30
N SER B 62 -17.15 -31.55 5.32
CA SER B 62 -17.21 -30.74 6.52
C SER B 62 -15.83 -30.16 6.77
N TYR B 63 -15.79 -28.84 6.95
CA TYR B 63 -14.59 -28.14 7.34
C TYR B 63 -15.02 -27.00 8.26
N ASN B 64 -14.34 -26.86 9.39
CA ASN B 64 -14.56 -25.74 10.30
C ASN B 64 -16.02 -25.66 10.73
N HIS B 65 -16.61 -26.82 11.03
CA HIS B 65 -17.98 -27.00 11.51
C HIS B 65 -19.03 -26.59 10.49
N GLN B 66 -18.62 -26.23 9.26
CA GLN B 66 -19.53 -25.94 8.17
C GLN B 66 -19.47 -27.08 7.17
N SER B 67 -20.62 -27.43 6.59
CA SER B 67 -20.67 -28.62 5.77
C SER B 67 -21.60 -28.40 4.59
N ILE B 68 -21.32 -29.10 3.48
CA ILE B 68 -22.17 -29.05 2.30
C ILE B 68 -22.11 -30.38 1.57
N ASP B 69 -23.06 -30.58 0.66
CA ASP B 69 -23.10 -31.72 -0.23
C ASP B 69 -22.81 -31.27 -1.65
N SER B 70 -22.36 -32.21 -2.47
CA SER B 70 -21.78 -31.86 -3.76
C SER B 70 -22.80 -31.24 -4.70
N GLU B 71 -24.08 -31.60 -4.58
CA GLU B 71 -25.08 -30.99 -5.44
C GLU B 71 -25.30 -29.50 -5.15
N GLN B 72 -24.79 -29.00 -4.02
CA GLN B 72 -24.87 -27.56 -3.73
C GLN B 72 -23.85 -26.72 -4.48
N VAL B 73 -22.90 -27.33 -5.20
CA VAL B 73 -21.77 -26.58 -5.77
C VAL B 73 -22.06 -26.22 -7.23
N GLN B 74 -22.06 -24.92 -7.54
CA GLN B 74 -22.27 -24.49 -8.91
C GLN B 74 -20.98 -24.22 -9.67
N SER B 75 -19.88 -24.04 -8.96
CA SER B 75 -18.61 -23.69 -9.59
C SER B 75 -17.50 -23.94 -8.58
N VAL B 76 -16.29 -24.05 -9.10
CA VAL B 76 -15.14 -24.47 -8.30
C VAL B 76 -13.94 -23.68 -8.77
N TRP B 77 -13.12 -23.20 -7.83
CA TRP B 77 -11.96 -22.38 -8.13
C TRP B 77 -10.72 -23.12 -7.65
N THR B 78 -9.83 -23.48 -8.57
CA THR B 78 -8.68 -24.31 -8.23
C THR B 78 -7.46 -23.44 -7.94
N ARG B 79 -7.57 -22.65 -6.87
CA ARG B 79 -6.50 -21.74 -6.54
C ARG B 79 -5.26 -22.49 -6.10
N ARG B 80 -5.40 -23.42 -5.15
CA ARG B 80 -4.28 -24.28 -4.76
C ARG B 80 -4.86 -25.61 -4.27
N ILE B 81 -4.36 -26.71 -4.81
CA ILE B 81 -4.70 -28.01 -4.26
C ILE B 81 -3.44 -28.63 -3.70
N CYS B 98 -1.46 -43.60 3.54
CA CYS B 98 -2.49 -42.61 3.85
C CYS B 98 -2.61 -41.60 2.72
N VAL B 99 -1.46 -41.09 2.26
CA VAL B 99 -1.50 -40.08 1.21
C VAL B 99 -2.15 -40.65 -0.05
N ARG B 100 -1.87 -41.91 -0.37
CA ARG B 100 -2.47 -42.53 -1.56
C ARG B 100 -3.99 -42.53 -1.49
N GLU B 101 -4.54 -42.93 -0.34
CA GLU B 101 -5.99 -43.01 -0.23
C GLU B 101 -6.63 -41.65 0.00
N SER B 102 -5.98 -40.77 0.75
CA SER B 102 -6.47 -39.41 0.91
C SER B 102 -6.60 -38.72 -0.44
N GLN B 103 -5.69 -39.02 -1.37
CA GLN B 103 -5.78 -38.44 -2.70
C GLN B 103 -6.89 -39.09 -3.53
N THR B 104 -7.17 -40.37 -3.33
CA THR B 104 -8.22 -41.00 -4.13
C THR B 104 -9.60 -40.57 -3.64
N THR B 105 -9.75 -40.40 -2.33
CA THR B 105 -10.97 -39.81 -1.80
C THR B 105 -11.18 -38.42 -2.38
N LEU B 106 -10.09 -37.63 -2.47
CA LEU B 106 -10.20 -36.28 -3.01
C LEU B 106 -10.61 -36.30 -4.47
N ALA B 107 -10.03 -37.22 -5.26
CA ALA B 107 -10.38 -37.30 -6.67
C ALA B 107 -11.80 -37.81 -6.87
N GLY B 108 -12.32 -38.63 -5.96
CA GLY B 108 -13.71 -39.02 -6.05
C GLY B 108 -14.62 -37.85 -5.76
N PHE B 109 -14.27 -37.05 -4.77
CA PHE B 109 -14.99 -35.81 -4.50
C PHE B 109 -15.05 -34.92 -5.74
N TRP B 110 -13.89 -34.70 -6.40
CA TRP B 110 -13.88 -33.84 -7.58
C TRP B 110 -14.86 -34.33 -8.62
N ASP B 111 -14.91 -35.66 -8.83
CA ASP B 111 -15.80 -36.26 -9.82
C ASP B 111 -17.26 -35.98 -9.51
N SER B 112 -17.63 -36.02 -8.23
CA SER B 112 -18.99 -35.72 -7.85
C SER B 112 -19.35 -34.27 -8.11
N LEU B 113 -18.36 -33.43 -8.38
CA LEU B 113 -18.57 -32.04 -8.78
C LEU B 113 -18.45 -31.86 -10.27
N ARG B 114 -18.50 -32.95 -11.05
CA ARG B 114 -18.18 -32.86 -12.47
C ARG B 114 -19.12 -31.97 -13.25
N SER B 115 -20.28 -31.61 -12.69
CA SER B 115 -21.27 -30.81 -13.39
C SER B 115 -21.21 -29.33 -13.02
N ALA B 116 -20.27 -28.91 -12.17
CA ALA B 116 -20.07 -27.49 -11.93
C ALA B 116 -19.10 -26.91 -12.95
N ARG B 117 -19.13 -25.60 -13.09
CA ARG B 117 -18.16 -24.95 -13.95
C ARG B 117 -16.87 -24.81 -13.12
N TRP B 118 -15.78 -25.31 -13.67
CA TRP B 118 -14.51 -25.35 -12.98
C TRP B 118 -13.61 -24.25 -13.51
N LEU B 119 -12.88 -23.62 -12.60
CA LEU B 119 -11.82 -22.70 -12.99
C LEU B 119 -10.54 -23.10 -12.28
N ASP B 120 -9.78 -24.06 -12.82
CA ASP B 120 -10.03 -24.75 -14.09
C ASP B 120 -10.19 -26.28 -13.90
N ASN B 121 -10.56 -26.97 -14.96
N ASN B 121 -10.58 -26.99 -14.95
CA ASN B 121 -10.65 -28.43 -14.91
CA ASN B 121 -10.69 -28.43 -14.84
C ASN B 121 -9.29 -29.02 -14.56
C ASN B 121 -9.33 -29.04 -14.57
N LEU B 122 -9.29 -29.91 -13.57
CA LEU B 122 -8.03 -30.46 -13.08
C LEU B 122 -7.24 -31.17 -14.18
N ALA B 123 -7.94 -31.83 -15.10
CA ALA B 123 -7.20 -32.59 -16.10
C ALA B 123 -6.49 -31.65 -17.07
N GLN B 124 -7.19 -30.63 -17.55
CA GLN B 124 -6.51 -29.58 -18.32
C GLN B 124 -5.37 -28.96 -17.53
N ILE B 125 -5.52 -28.78 -16.23
CA ILE B 125 -4.41 -28.17 -15.48
C ILE B 125 -3.19 -29.09 -15.51
N GLU B 126 -3.39 -30.38 -15.26
CA GLU B 126 -2.30 -31.35 -15.29
C GLU B 126 -1.62 -31.37 -16.63
N LYS B 127 -2.41 -31.43 -17.71
CA LYS B 127 -1.82 -31.47 -19.04
C LYS B 127 -0.97 -30.22 -19.30
N ALA B 128 -1.43 -29.05 -18.85
CA ALA B 128 -0.74 -27.81 -19.15
C ALA B 128 0.53 -27.61 -18.33
N LYS B 129 0.70 -28.32 -17.21
CA LYS B 129 1.91 -28.11 -16.41
C LYS B 129 3.17 -28.60 -17.14
N ASN B 130 3.01 -29.43 -18.17
CA ASN B 130 4.13 -29.98 -18.91
C ASN B 130 4.81 -28.90 -19.73
N LYS B 131 6.04 -28.52 -19.34
CA LYS B 131 6.71 -27.41 -20.00
C LYS B 131 7.08 -27.72 -21.45
N LEU B 132 7.12 -29.00 -21.83
CA LEU B 132 7.51 -29.33 -23.20
C LEU B 132 6.33 -29.28 -24.15
N LEU B 133 5.15 -29.65 -23.70
CA LEU B 133 3.94 -29.37 -24.48
C LEU B 133 3.73 -27.87 -24.59
N GLN B 134 3.99 -27.12 -23.51
CA GLN B 134 3.88 -25.66 -23.57
C GLN B 134 4.73 -25.10 -24.70
N LEU B 135 6.01 -25.48 -24.73
CA LEU B 135 6.92 -25.03 -25.78
C LEU B 135 6.48 -25.50 -27.14
N ARG B 136 6.17 -26.80 -27.26
CA ARG B 136 5.63 -27.34 -28.51
C ARG B 136 4.44 -26.54 -28.96
N LEU B 137 3.46 -26.35 -28.08
CA LEU B 137 2.23 -25.68 -28.49
C LEU B 137 2.49 -24.23 -28.87
N ALA B 138 3.11 -23.46 -27.95
CA ALA B 138 3.37 -22.04 -28.20
C ALA B 138 3.97 -21.80 -29.57
N SER B 139 5.00 -22.56 -29.93
CA SER B 139 5.64 -22.38 -31.23
C SER B 139 4.64 -22.55 -32.36
N GLU B 140 3.89 -23.66 -32.34
CA GLU B 140 2.87 -23.93 -33.35
C GLU B 140 1.82 -22.82 -33.46
N VAL B 141 1.63 -22.02 -32.40
CA VAL B 141 0.66 -20.93 -32.47
C VAL B 141 1.30 -19.61 -32.93
N GLY B 142 2.61 -19.57 -33.14
CA GLY B 142 3.27 -18.37 -33.59
C GLY B 142 3.99 -17.58 -32.53
N LEU B 143 3.98 -18.02 -31.28
CA LEU B 143 4.74 -17.32 -30.26
C LEU B 143 6.23 -17.60 -30.45
N ILE B 144 7.05 -16.61 -30.20
CA ILE B 144 8.49 -16.80 -30.23
C ILE B 144 8.92 -17.53 -28.96
N ILE B 145 9.87 -18.43 -29.11
CA ILE B 145 10.29 -19.30 -28.03
C ILE B 145 11.81 -19.22 -28.00
N PRO B 146 12.44 -19.38 -26.84
CA PRO B 146 13.90 -19.49 -26.81
C PRO B 146 14.31 -20.84 -27.37
N PRO B 147 15.40 -20.90 -28.14
CA PRO B 147 15.87 -22.22 -28.60
C PRO B 147 16.07 -23.16 -27.42
N THR B 148 15.38 -24.31 -27.44
CA THR B 148 15.33 -25.22 -26.30
C THR B 148 15.77 -26.64 -26.68
N LEU B 149 16.51 -27.27 -25.77
CA LEU B 149 16.87 -28.68 -25.84
C LEU B 149 16.60 -29.32 -24.49
N VAL B 150 15.92 -30.46 -24.51
CA VAL B 150 15.71 -31.28 -23.33
C VAL B 150 16.45 -32.56 -23.62
N THR B 151 17.19 -33.07 -22.65
CA THR B 151 17.91 -34.30 -22.87
C THR B 151 18.60 -34.89 -21.65
N ASN B 152 19.02 -36.14 -21.83
CA ASN B 152 19.73 -36.91 -20.83
C ASN B 152 21.00 -37.50 -21.46
N ASN B 153 21.21 -37.15 -22.71
CA ASN B 153 22.40 -37.49 -23.48
C ASN B 153 23.38 -36.33 -23.40
N PRO B 154 24.50 -36.45 -22.69
CA PRO B 154 25.45 -35.32 -22.63
C PRO B 154 26.09 -34.98 -23.98
N ASP B 155 26.09 -35.89 -24.95
CA ASP B 155 26.72 -35.57 -26.24
C ASP B 155 25.86 -34.62 -27.07
N ALA B 156 24.54 -34.83 -27.08
CA ALA B 156 23.68 -33.89 -27.81
C ALA B 156 23.61 -32.55 -27.09
N ALA B 157 23.87 -32.53 -25.79
CA ALA B 157 23.95 -31.29 -25.04
C ALA B 157 25.17 -30.47 -25.45
N ARG B 158 26.30 -31.15 -25.72
CA ARG B 158 27.47 -30.48 -26.25
C ARG B 158 27.18 -29.83 -27.60
N GLU B 159 26.44 -30.53 -28.48
CA GLU B 159 26.05 -29.97 -29.77
C GLU B 159 25.24 -28.69 -29.61
N PHE B 160 24.50 -28.55 -28.50
CA PHE B 160 23.66 -27.38 -28.27
C PHE B 160 24.39 -26.26 -27.54
N PHE B 161 25.49 -26.56 -26.84
CA PHE B 161 26.29 -25.50 -26.24
C PHE B 161 26.94 -24.65 -27.32
N SER B 162 27.51 -25.30 -28.34
CA SER B 162 27.74 -24.63 -29.61
C SER B 162 26.44 -24.63 -30.41
N GLN B 163 26.49 -24.20 -31.67
CA GLN B 163 25.27 -23.88 -32.41
C GLN B 163 24.54 -22.75 -31.70
N MET B 208 17.24 -32.59 -17.26
CA MET B 208 18.12 -31.58 -17.86
C MET B 208 17.48 -30.84 -19.05
N VAL B 209 17.04 -29.61 -18.83
CA VAL B 209 16.46 -28.76 -19.87
C VAL B 209 17.39 -27.56 -20.08
N PHE B 210 17.84 -27.36 -21.33
CA PHE B 210 18.76 -26.29 -21.69
C PHE B 210 18.13 -25.34 -22.70
N GLN B 211 18.32 -24.04 -22.46
CA GLN B 211 17.72 -23.00 -23.29
C GLN B 211 18.73 -21.89 -23.62
N ALA B 212 18.63 -21.39 -24.85
CA ALA B 212 19.44 -20.27 -25.28
C ALA B 212 19.14 -19.05 -24.43
N GLU B 213 20.18 -18.47 -23.84
CA GLU B 213 20.05 -17.29 -23.01
C GLU B 213 19.56 -16.12 -23.88
N ILE B 214 18.46 -15.48 -23.47
CA ILE B 214 17.74 -14.50 -24.28
C ILE B 214 17.83 -13.13 -23.61
N PRO B 215 18.36 -12.10 -24.30
CA PRO B 215 18.50 -10.78 -23.69
C PRO B 215 17.18 -10.04 -23.54
N LYS B 216 17.06 -9.33 -22.43
CA LYS B 216 15.76 -8.87 -21.99
C LYS B 216 15.77 -7.39 -21.64
N GLN B 217 14.72 -6.69 -22.09
CA GLN B 217 14.45 -5.30 -21.73
C GLN B 217 13.39 -5.20 -20.63
N LEU B 218 12.32 -5.99 -20.74
CA LEU B 218 11.31 -6.16 -19.70
C LEU B 218 11.07 -7.64 -19.46
N GLU B 219 10.64 -7.96 -18.24
CA GLU B 219 10.01 -9.23 -17.95
C GLU B 219 8.55 -8.97 -17.69
N LEU B 220 7.69 -9.84 -18.19
CA LEU B 220 6.25 -9.60 -18.14
C LEU B 220 5.51 -10.76 -17.52
N ARG B 221 4.42 -10.42 -16.83
CA ARG B 221 3.50 -11.39 -16.23
C ARG B 221 2.11 -11.07 -16.85
N VAL B 222 1.63 -11.93 -17.74
CA VAL B 222 0.35 -11.71 -18.43
C VAL B 222 -0.66 -12.67 -17.82
N VAL B 223 -1.73 -12.12 -17.28
CA VAL B 223 -2.76 -12.92 -16.67
C VAL B 223 -3.98 -12.80 -17.57
N VAL B 224 -4.43 -13.94 -18.12
CA VAL B 224 -5.66 -14.01 -18.91
C VAL B 224 -6.72 -14.73 -18.08
N VAL B 225 -7.90 -14.12 -17.97
CA VAL B 225 -9.02 -14.63 -17.20
C VAL B 225 -10.26 -14.41 -18.06
N ASN B 226 -10.82 -15.48 -18.61
CA ASN B 226 -12.14 -15.43 -19.23
C ASN B 226 -12.26 -14.23 -20.19
N GLY B 227 -11.36 -14.20 -21.17
CA GLY B 227 -11.36 -13.17 -22.19
C GLY B 227 -10.60 -11.90 -21.83
N GLN B 228 -10.31 -11.69 -20.56
CA GLN B 228 -9.72 -10.45 -20.04
C GLN B 228 -8.23 -10.61 -19.80
N THR B 229 -7.45 -9.63 -20.23
CA THR B 229 -6.00 -9.68 -20.09
C THR B 229 -5.52 -8.64 -19.05
N PHE B 230 -4.57 -9.05 -18.22
CA PHE B 230 -3.99 -8.20 -17.18
C PHE B 230 -2.49 -8.33 -17.20
N VAL B 231 -1.79 -7.24 -17.48
CA VAL B 231 -0.37 -7.24 -17.80
C VAL B 231 0.40 -6.51 -16.71
N GLY B 232 1.57 -7.04 -16.35
CA GLY B 232 2.48 -6.33 -15.49
C GLY B 232 3.90 -6.50 -16.00
N ALA B 233 4.76 -5.50 -15.77
CA ALA B 233 6.11 -5.48 -16.34
C ALA B 233 7.15 -5.11 -15.30
N LEU B 234 8.40 -5.48 -15.60
CA LEU B 234 9.55 -5.21 -14.75
C LEU B 234 10.73 -4.87 -15.63
N GLU B 235 11.36 -3.73 -15.38
CA GLU B 235 12.60 -3.40 -16.08
C GLU B 235 13.73 -4.22 -15.50
N SER B 236 14.64 -4.67 -16.36
CA SER B 236 15.72 -5.58 -15.95
C SER B 236 16.98 -4.84 -15.51
N ALA B 255 9.23 -3.43 -8.57
CA ALA B 255 7.80 -3.73 -8.54
C ALA B 255 7.13 -3.53 -9.90
N TRP B 256 5.94 -4.11 -10.05
CA TRP B 256 5.25 -4.17 -11.33
C TRP B 256 4.82 -2.79 -11.83
N GLN B 257 4.94 -2.59 -13.15
CA GLN B 257 4.48 -1.40 -13.85
C GLN B 257 3.49 -1.83 -14.94
N HIS B 258 2.73 -0.87 -15.46
CA HIS B 258 1.74 -1.20 -16.47
C HIS B 258 2.40 -1.42 -17.83
N HIS B 259 1.72 -2.21 -18.66
CA HIS B 259 2.23 -2.46 -19.99
C HIS B 259 1.04 -2.70 -20.87
N THR B 260 1.21 -2.48 -22.16
CA THR B 260 0.18 -2.74 -23.15
C THR B 260 0.75 -3.69 -24.20
N LEU B 261 0.02 -4.72 -24.50
CA LEU B 261 0.46 -5.73 -25.44
C LEU B 261 -0.10 -5.45 -26.83
N PRO B 262 0.64 -5.75 -27.89
CA PRO B 262 0.09 -5.58 -29.23
C PRO B 262 -1.08 -6.51 -29.45
N ASP B 263 -2.11 -6.01 -30.15
CA ASP B 263 -3.37 -6.73 -30.30
C ASP B 263 -3.23 -8.08 -31.00
N SER B 264 -2.09 -8.36 -31.63
CA SER B 264 -1.89 -9.66 -32.26
C SER B 264 -1.34 -10.70 -31.30
N LEU B 265 -0.53 -10.25 -30.32
CA LEU B 265 -0.08 -11.16 -29.28
C LEU B 265 -1.24 -11.58 -28.38
N LEU B 266 -2.25 -10.72 -28.25
CA LEU B 266 -3.44 -11.09 -27.52
C LEU B 266 -4.19 -12.22 -28.21
N GLN B 267 -4.20 -12.23 -29.55
CA GLN B 267 -4.88 -13.31 -30.23
C GLN B 267 -4.12 -14.61 -30.07
N GLN B 268 -2.79 -14.56 -30.15
CA GLN B 268 -2.02 -15.79 -30.01
C GLN B 268 -2.17 -16.39 -28.62
N LEU B 269 -2.47 -15.57 -27.60
CA LEU B 269 -2.65 -16.12 -26.26
C LEU B 269 -4.00 -16.78 -26.09
N GLN B 270 -5.05 -16.19 -26.66
CA GLN B 270 -6.36 -16.84 -26.63
C GLN B 270 -6.30 -18.22 -27.30
N ILE B 271 -5.64 -18.30 -28.46
CA ILE B 271 -5.46 -19.59 -29.12
C ILE B 271 -4.59 -20.52 -28.30
N PHE B 272 -3.58 -19.97 -27.63
CA PHE B 272 -2.78 -20.80 -26.76
C PHE B 272 -3.64 -21.38 -25.65
N MET B 273 -4.48 -20.55 -25.03
CA MET B 273 -5.34 -21.03 -23.96
C MET B 273 -6.47 -21.91 -24.48
N ALA B 274 -6.94 -21.67 -25.71
CA ALA B 274 -8.03 -22.48 -26.23
C ALA B 274 -7.57 -23.92 -26.39
N ASN B 275 -6.34 -24.11 -26.88
CA ASN B 275 -5.77 -25.42 -27.07
C ASN B 275 -5.31 -26.07 -25.79
N LEU B 276 -5.17 -25.31 -24.71
CA LEU B 276 -4.91 -25.91 -23.43
C LEU B 276 -6.20 -26.17 -22.68
N GLY B 277 -7.29 -25.55 -23.11
CA GLY B 277 -8.56 -25.72 -22.44
C GLY B 277 -8.68 -25.00 -21.13
N LEU B 278 -8.02 -23.86 -21.00
CA LEU B 278 -7.98 -23.11 -19.75
C LEU B 278 -8.72 -21.79 -19.88
N ASN B 279 -9.50 -21.48 -18.87
CA ASN B 279 -10.09 -20.16 -18.72
C ASN B 279 -9.22 -19.23 -17.89
N PHE B 280 -8.17 -19.74 -17.26
CA PHE B 280 -7.22 -18.94 -16.51
C PHE B 280 -5.81 -19.40 -16.82
N GLY B 281 -4.90 -18.46 -17.00
CA GLY B 281 -3.49 -18.75 -17.13
C GLY B 281 -2.63 -17.54 -16.81
N ALA B 282 -1.51 -17.77 -16.15
CA ALA B 282 -0.51 -16.75 -15.90
C ALA B 282 0.72 -17.07 -16.76
N PHE B 283 1.05 -16.17 -17.69
CA PHE B 283 2.13 -16.38 -18.65
C PHE B 283 3.33 -15.54 -18.27
N ASP B 284 4.53 -16.06 -18.50
CA ASP B 284 5.75 -15.29 -18.36
C ASP B 284 6.31 -15.03 -19.75
N PHE B 285 6.64 -13.78 -20.01
CA PHE B 285 7.21 -13.33 -21.27
C PHE B 285 8.47 -12.51 -21.01
N ILE B 286 9.23 -12.33 -22.07
CA ILE B 286 10.33 -11.40 -22.15
C ILE B 286 10.05 -10.45 -23.31
N LEU B 287 10.33 -9.17 -23.12
CA LEU B 287 10.46 -8.22 -24.23
C LEU B 287 11.95 -8.01 -24.47
N THR B 288 12.41 -8.33 -25.68
CA THR B 288 13.81 -8.14 -26.02
C THR B 288 14.11 -6.64 -26.21
N PRO B 289 15.39 -6.26 -26.18
CA PRO B 289 15.73 -4.87 -26.48
C PRO B 289 15.22 -4.39 -27.83
N GLY B 290 15.02 -5.29 -28.79
CA GLY B 290 14.44 -4.97 -30.07
C GLY B 290 12.92 -4.97 -30.13
N GLY B 291 12.22 -5.25 -29.04
CA GLY B 291 10.77 -5.23 -29.07
C GLY B 291 10.11 -6.52 -29.51
N GLU B 292 10.82 -7.64 -29.48
CA GLU B 292 10.23 -8.95 -29.73
C GLU B 292 9.72 -9.52 -28.41
N TYR B 293 8.46 -9.93 -28.39
CA TYR B 293 7.88 -10.65 -27.26
C TYR B 293 8.25 -12.13 -27.35
N VAL B 294 8.86 -12.65 -26.28
CA VAL B 294 9.35 -14.04 -26.24
C VAL B 294 8.68 -14.75 -25.08
N PHE B 295 7.90 -15.80 -25.40
CA PHE B 295 7.18 -16.60 -24.42
C PHE B 295 8.13 -17.54 -23.67
N LEU B 296 7.92 -17.66 -22.35
CA LEU B 296 8.77 -18.49 -21.49
C LEU B 296 8.00 -19.67 -20.93
N GLU B 297 6.98 -19.45 -20.11
CA GLU B 297 6.18 -20.54 -19.59
C GLU B 297 4.83 -20.00 -19.20
N VAL B 298 3.87 -20.91 -19.07
CA VAL B 298 2.55 -20.60 -18.57
C VAL B 298 2.35 -21.38 -17.28
N ASN B 299 1.73 -20.72 -16.30
CA ASN B 299 1.44 -21.33 -15.00
C ASN B 299 -0.06 -21.31 -14.79
N PRO B 300 -0.75 -22.46 -14.83
CA PRO B 300 -2.19 -22.44 -14.54
C PRO B 300 -2.49 -22.20 -13.08
N GLY B 301 -1.50 -22.39 -12.20
CA GLY B 301 -1.57 -21.91 -10.83
C GLY B 301 -0.64 -20.72 -10.61
N GLY B 302 -0.55 -19.86 -11.62
CA GLY B 302 0.39 -18.78 -11.56
C GLY B 302 -0.04 -17.72 -10.58
N GLU B 303 0.94 -17.16 -9.88
CA GLU B 303 0.67 -16.08 -8.93
C GLU B 303 0.24 -14.85 -9.69
N TRP B 304 -0.88 -14.26 -9.29
CA TRP B 304 -1.35 -13.02 -9.88
C TRP B 304 -1.62 -11.95 -8.84
N GLY B 305 -1.43 -12.24 -7.55
CA GLY B 305 -1.91 -11.35 -6.52
C GLY B 305 -1.16 -10.04 -6.49
N MET B 306 0.16 -10.08 -6.65
CA MET B 306 0.96 -8.88 -6.69
C MET B 306 0.55 -7.94 -7.81
N LEU B 307 0.17 -8.48 -8.96
CA LEU B 307 -0.38 -7.63 -10.01
C LEU B 307 -1.61 -6.87 -9.53
N GLU B 308 -2.59 -7.59 -8.94
CA GLU B 308 -3.79 -6.89 -8.46
C GLU B 308 -3.45 -5.95 -7.31
N ARG B 309 -2.50 -6.35 -6.46
CA ARG B 309 -2.22 -5.61 -5.24
C ARG B 309 -1.54 -4.28 -5.54
N ASP B 310 -0.61 -4.31 -6.48
CA ASP B 310 0.26 -3.17 -6.73
C ASP B 310 -0.13 -2.37 -7.94
N LEU B 311 -0.98 -2.89 -8.80
CA LEU B 311 -1.32 -2.15 -10.00
C LEU B 311 -2.81 -1.87 -10.11
N ASP B 312 -3.60 -2.17 -9.07
CA ASP B 312 -5.03 -1.88 -9.09
C ASP B 312 -5.69 -2.57 -10.27
N LEU B 313 -5.26 -3.80 -10.56
CA LEU B 313 -5.82 -4.57 -11.66
C LEU B 313 -6.91 -5.48 -11.11
N PRO B 314 -8.11 -5.41 -11.59
CA PRO B 314 -9.21 -6.15 -10.93
C PRO B 314 -9.33 -7.59 -11.40
N ILE B 315 -8.26 -8.36 -11.19
CA ILE B 315 -8.23 -9.76 -11.60
C ILE B 315 -9.23 -10.58 -10.80
N SER B 316 -9.38 -10.25 -9.51
CA SER B 316 -10.30 -10.97 -8.63
C SER B 316 -11.73 -10.86 -9.12
N GLN B 317 -12.08 -9.73 -9.75
CA GLN B 317 -13.45 -9.57 -10.23
C GLN B 317 -13.70 -10.41 -11.48
N ALA B 318 -12.71 -10.48 -12.37
CA ALA B 318 -12.85 -11.36 -13.51
C ALA B 318 -12.96 -12.81 -13.07
N ILE B 319 -12.15 -13.22 -12.08
CA ILE B 319 -12.27 -14.57 -11.51
C ILE B 319 -13.66 -14.76 -10.90
N ALA B 320 -14.12 -13.76 -10.14
CA ALA B 320 -15.43 -13.88 -9.51
C ALA B 320 -16.56 -13.94 -10.54
N ASP B 321 -16.51 -13.10 -11.58
CA ASP B 321 -17.56 -13.10 -12.59
C ASP B 321 -17.69 -14.46 -13.26
N PHE B 322 -16.56 -15.07 -13.66
CA PHE B 322 -16.64 -16.38 -14.30
C PHE B 322 -17.30 -17.39 -13.38
N LEU B 323 -16.87 -17.43 -12.11
CA LEU B 323 -17.44 -18.34 -11.13
C LEU B 323 -18.93 -18.12 -10.95
N VAL B 324 -19.37 -16.86 -10.89
CA VAL B 324 -20.75 -16.60 -10.51
C VAL B 324 -21.65 -16.46 -11.73
N PHE B 325 -21.14 -15.94 -12.84
CA PHE B 325 -21.96 -15.71 -14.01
C PHE B 325 -21.55 -16.53 -15.23
N GLY B 326 -20.35 -17.09 -15.23
CA GLY B 326 -19.84 -17.76 -16.42
C GLY B 326 -19.43 -16.75 -17.48
#